data_6PHG
#
_entry.id   6PHG
#
_cell.length_a   130.843
_cell.length_b   60.557
_cell.length_c   61.079
_cell.angle_alpha   90.00
_cell.angle_beta   113.62
_cell.angle_gamma   90.00
#
_symmetry.space_group_name_H-M   'C 1 2 1'
#
loop_
_entity.id
_entity.type
_entity.pdbx_description
1 polymer 'Germline 2544 Antibody Fab, Heavy Chain'
2 polymer 'Germline 2544 Antibody Fab, Light Chain'
3 non-polymer GLYCEROL
4 water water
#
loop_
_entity_poly.entity_id
_entity_poly.type
_entity_poly.pdbx_seq_one_letter_code
_entity_poly.pdbx_strand_id
1 'polypeptide(L)'
;EVQLVESGGGLVQPGGSLRLSCAASGFTFSSYSMNWVRQAPGKGLEWVSYISSSSSTIYYADSVKGRFTISRDNAKNSLY
LQMNSLRAEDTAVYYCARVEYYYDSSGYYYDFDYWGQGTLVTVSSASTKGPSVFPLAPSSKSTSGGTAALGCLVKDYFPE
PVTVSWNSGALTSGVHTFPAVLQSSGLYSLSSVVTVPSSSLGTQTYICNVNHKPSNTKVDKKVEPKSC
;
A
2 'polypeptide(L)'
;DIVMTQSPLSLPVTPGEPASISCRSSQSLLHSNGYNYLDWYLQKPGQSPQLLIYLGSNRASGVPDRFSGSGSGTDFTLKI
SRVEAEDVGVYYCMQALQTPTFGQGTRLEIKRTVAAPSVFIFPPSDEQLKSGTASVVCLLNNFYPREAKVQWKVDNALQS
GNSQESVTEQDSKDSTYSLSSTLTLSKADYEKHKVYACEVTHQGLSSPVTKSFNRGEC
;
B
#
loop_
_chem_comp.id
_chem_comp.type
_chem_comp.name
_chem_comp.formula
GOL non-polymer GLYCEROL 'C3 H8 O3'
#
# COMPACT_ATOMS: atom_id res chain seq x y z
N GLU A 1 -17.74 9.26 16.52
CA GLU A 1 -16.72 8.22 16.35
C GLU A 1 -15.34 8.75 16.73
N VAL A 2 -14.49 7.83 17.16
CA VAL A 2 -13.11 8.17 17.50
C VAL A 2 -12.30 8.30 16.21
N GLN A 3 -11.55 9.40 16.09
CA GLN A 3 -10.70 9.62 14.93
C GLN A 3 -9.33 10.14 15.37
N LEU A 4 -8.29 9.67 14.67
CA LEU A 4 -6.94 10.18 14.80
C LEU A 4 -6.45 10.50 13.40
N VAL A 5 -6.09 11.76 13.16
CA VAL A 5 -5.73 12.22 11.81
C VAL A 5 -4.32 12.82 11.87
N GLU A 6 -3.38 12.15 11.22
CA GLU A 6 -1.99 12.58 11.18
C GLU A 6 -1.78 13.59 10.06
N SER A 7 -0.75 14.41 10.23
CA SER A 7 -0.33 15.35 9.20
C SER A 7 1.12 15.75 9.48
N GLY A 8 1.70 16.44 8.51
CA GLY A 8 3.07 16.91 8.61
C GLY A 8 4.08 16.08 7.88
N GLY A 9 3.70 14.91 7.37
CA GLY A 9 4.63 14.10 6.62
C GLY A 9 4.98 14.73 5.29
N GLY A 10 6.14 14.34 4.77
CA GLY A 10 6.59 14.83 3.49
C GLY A 10 8.08 14.61 3.31
N LEU A 11 8.61 15.28 2.30
CA LEU A 11 10.02 15.18 1.97
C LEU A 11 10.84 16.08 2.88
N VAL A 12 12.01 15.59 3.28
CA VAL A 12 12.92 16.33 4.13
C VAL A 12 14.35 15.87 3.82
N GLN A 13 15.26 16.83 3.75
CA GLN A 13 16.64 16.50 3.41
C GLN A 13 17.30 15.72 4.55
N PRO A 14 18.26 14.86 4.25
CA PRO A 14 19.00 14.15 5.31
C PRO A 14 19.65 15.15 6.26
N GLY A 15 19.47 14.91 7.55
CA GLY A 15 19.94 15.83 8.58
C GLY A 15 18.95 16.90 8.97
N GLY A 16 17.88 17.08 8.21
CA GLY A 16 16.90 18.09 8.50
C GLY A 16 15.96 17.68 9.61
N SER A 17 14.94 18.52 9.81
CA SER A 17 13.93 18.27 10.82
C SER A 17 12.54 18.37 10.20
N LEU A 18 11.57 17.79 10.91
CA LEU A 18 10.19 17.76 10.48
C LEU A 18 9.35 17.49 11.72
N ARG A 19 8.12 18.00 11.72
CA ARG A 19 7.23 17.88 12.87
C ARG A 19 5.92 17.22 12.44
N LEU A 20 5.57 16.12 13.10
CA LEU A 20 4.31 15.43 12.84
C LEU A 20 3.25 15.87 13.84
N SER A 21 2.00 15.83 13.39
CA SER A 21 0.87 16.15 14.24
C SER A 21 -0.18 15.05 14.13
N CYS A 22 -0.90 14.82 15.22
CA CYS A 22 -1.99 13.85 15.26
C CYS A 22 -3.17 14.51 15.95
N ALA A 23 -4.22 14.79 15.20
CA ALA A 23 -5.39 15.50 15.70
C ALA A 23 -6.44 14.51 16.15
N ALA A 24 -6.83 14.59 17.41
CA ALA A 24 -7.77 13.65 18.01
C ALA A 24 -9.16 14.28 18.11
N SER A 25 -10.18 13.48 17.81
CA SER A 25 -11.56 13.94 18.00
C SER A 25 -12.42 12.75 18.40
N GLY A 26 -13.61 13.06 18.92
CA GLY A 26 -14.57 12.03 19.24
C GLY A 26 -14.34 11.28 20.54
N PHE A 27 -13.42 11.75 21.38
CA PHE A 27 -13.21 11.18 22.71
C PHE A 27 -12.47 12.18 23.56
N THR A 28 -12.51 11.97 24.88
CA THR A 28 -11.78 12.86 25.79
C THR A 28 -10.28 12.61 25.70
N PHE A 29 -9.60 13.39 24.86
CA PHE A 29 -8.18 13.16 24.58
C PHE A 29 -7.31 13.27 25.83
N SER A 30 -7.70 14.15 26.76
CA SER A 30 -6.90 14.42 27.95
C SER A 30 -6.75 13.20 28.86
N SER A 31 -7.59 12.18 28.71
CA SER A 31 -7.57 11.03 29.59
C SER A 31 -6.75 9.85 29.05
N TYR A 32 -6.23 9.93 27.83
CA TYR A 32 -5.59 8.81 27.18
C TYR A 32 -4.10 9.03 26.94
N SER A 33 -3.31 7.99 27.21
CA SER A 33 -1.93 7.93 26.76
C SER A 33 -1.88 7.56 25.27
N MET A 34 -0.80 7.99 24.61
CA MET A 34 -0.65 7.88 23.16
C MET A 34 0.76 7.38 22.82
N ASN A 35 0.88 6.80 21.63
CA ASN A 35 2.16 6.33 21.08
C ASN A 35 2.31 6.76 19.63
N TRP A 36 3.56 6.88 19.19
CA TRP A 36 3.91 6.89 17.78
C TRP A 36 4.49 5.52 17.39
N VAL A 37 4.05 4.99 16.25
CA VAL A 37 4.55 3.76 15.68
C VAL A 37 4.84 4.01 14.21
N ARG A 38 5.93 3.43 13.69
CA ARG A 38 6.31 3.68 12.31
C ARG A 38 6.55 2.37 11.57
N GLN A 39 6.52 2.48 10.23
CA GLN A 39 6.65 1.32 9.36
C GLN A 39 7.41 1.74 8.10
N ALA A 40 8.62 1.22 7.94
CA ALA A 40 9.36 1.45 6.72
C ALA A 40 8.68 0.74 5.55
N PRO A 41 8.85 1.24 4.32
CA PRO A 41 8.17 0.62 3.17
C PRO A 41 8.48 -0.85 3.04
N GLY A 42 7.42 -1.66 3.01
CA GLY A 42 7.57 -3.11 2.89
C GLY A 42 8.09 -3.82 4.12
N LYS A 43 8.17 -3.15 5.27
CA LYS A 43 8.74 -3.71 6.49
C LYS A 43 7.69 -3.76 7.60
N GLY A 44 8.13 -4.09 8.81
CA GLY A 44 7.23 -4.29 9.94
C GLY A 44 7.02 -3.04 10.77
N LEU A 45 6.17 -3.20 11.80
CA LEU A 45 5.87 -2.11 12.71
C LEU A 45 6.98 -1.96 13.75
N GLU A 46 7.35 -0.71 14.04
CA GLU A 46 8.35 -0.41 15.04
C GLU A 46 7.82 0.68 15.97
N TRP A 47 7.67 0.35 17.25
CA TRP A 47 7.29 1.36 18.23
C TRP A 47 8.35 2.44 18.32
N VAL A 48 7.89 3.70 18.41
CA VAL A 48 8.76 4.87 18.36
C VAL A 48 8.80 5.61 19.71
N SER A 49 7.65 6.05 20.21
CA SER A 49 7.64 6.84 21.44
C SER A 49 6.28 6.75 22.13
N TYR A 50 6.29 7.03 23.44
CA TYR A 50 5.12 6.98 24.30
C TYR A 50 5.02 8.24 25.14
N ILE A 51 3.80 8.74 25.37
CA ILE A 51 3.55 9.85 26.28
C ILE A 51 2.24 9.61 27.02
N SER A 52 2.27 9.75 28.36
CA SER A 52 1.08 9.55 29.16
C SER A 52 0.12 10.72 28.99
N SER A 53 -1.11 10.54 29.49
CA SER A 53 -2.20 11.49 29.27
C SER A 53 -1.81 12.90 29.69
N SER A 54 -1.08 13.04 30.79
CA SER A 54 -0.69 14.34 31.29
C SER A 54 0.78 14.65 31.08
N SER A 55 1.45 13.90 30.20
CA SER A 55 2.83 14.09 29.80
C SER A 55 3.84 13.79 30.89
N SER A 56 3.40 13.24 32.03
CA SER A 56 4.34 13.00 33.12
C SER A 56 5.31 11.86 32.82
N THR A 57 4.90 10.90 31.99
CA THR A 57 5.72 9.74 31.66
C THR A 57 5.95 9.70 30.15
N ILE A 58 7.22 9.62 29.73
CA ILE A 58 7.59 9.61 28.32
C ILE A 58 8.68 8.56 28.11
N TYR A 59 8.55 7.76 27.04
CA TYR A 59 9.55 6.76 26.66
C TYR A 59 9.89 6.91 25.19
N TYR A 60 11.14 6.55 24.84
CA TYR A 60 11.60 6.57 23.47
C TYR A 60 12.28 5.25 23.13
N ALA A 61 12.13 4.83 21.87
CA ALA A 61 12.92 3.71 21.37
C ALA A 61 14.37 4.13 21.19
N ASP A 62 15.28 3.19 21.41
CA ASP A 62 16.71 3.45 21.28
C ASP A 62 17.06 3.98 19.89
N SER A 63 16.32 3.59 18.86
CA SER A 63 16.66 4.02 17.51
C SER A 63 16.42 5.51 17.30
N VAL A 64 15.62 6.17 18.14
CA VAL A 64 15.28 7.57 17.96
C VAL A 64 15.65 8.43 19.16
N LYS A 65 16.22 7.84 20.22
CA LYS A 65 16.51 8.61 21.41
C LYS A 65 17.56 9.68 21.14
N GLY A 66 17.31 10.89 21.64
CA GLY A 66 18.20 12.01 21.43
C GLY A 66 17.94 12.80 20.16
N ARG A 67 17.09 12.28 19.26
CA ARG A 67 16.73 12.95 18.02
C ARG A 67 15.26 13.30 17.92
N PHE A 68 14.38 12.48 18.49
CA PHE A 68 12.94 12.70 18.44
C PHE A 68 12.44 13.20 19.78
N THR A 69 11.40 14.03 19.74
CA THR A 69 10.76 14.58 20.93
C THR A 69 9.26 14.43 20.79
N ILE A 70 8.65 13.68 21.69
CA ILE A 70 7.20 13.54 21.71
C ILE A 70 6.64 14.58 22.67
N SER A 71 5.47 15.13 22.33
CA SER A 71 4.80 16.08 23.20
C SER A 71 3.31 16.07 22.84
N ARG A 72 2.53 16.84 23.60
CA ARG A 72 1.11 16.92 23.34
C ARG A 72 0.54 18.22 23.90
N ASP A 73 -0.55 18.67 23.30
CA ASP A 73 -1.28 19.85 23.77
C ASP A 73 -2.73 19.43 23.96
N ASN A 74 -3.09 19.05 25.19
CA ASN A 74 -4.43 18.52 25.44
C ASN A 74 -5.51 19.56 25.17
N ALA A 75 -5.23 20.84 25.41
CA ALA A 75 -6.22 21.87 25.08
C ALA A 75 -6.46 21.94 23.58
N LYS A 76 -5.48 21.56 22.76
CA LYS A 76 -5.63 21.58 21.32
C LYS A 76 -5.93 20.21 20.72
N ASN A 77 -6.13 19.19 21.58
CA ASN A 77 -6.45 17.83 21.15
C ASN A 77 -5.42 17.33 20.14
N SER A 78 -4.15 17.59 20.42
CA SER A 78 -3.08 17.29 19.47
C SER A 78 -1.93 16.56 20.14
N LEU A 79 -1.35 15.62 19.40
CA LEU A 79 -0.13 14.90 19.74
C LEU A 79 0.92 15.23 18.71
N TYR A 80 2.17 15.40 19.14
CA TYR A 80 3.24 15.85 18.25
C TYR A 80 4.42 14.89 18.29
N LEU A 81 5.14 14.83 17.17
CA LEU A 81 6.44 14.17 17.12
C LEU A 81 7.41 15.10 16.40
N GLN A 82 8.37 15.67 17.13
CA GLN A 82 9.39 16.52 16.54
C GLN A 82 10.61 15.65 16.21
N MET A 83 10.94 15.57 14.93
CA MET A 83 12.00 14.70 14.45
C MET A 83 13.15 15.55 13.93
N ASN A 84 14.32 15.44 14.59
CA ASN A 84 15.52 16.14 14.16
C ASN A 84 16.59 15.13 13.76
N SER A 85 17.63 15.63 13.07
CA SER A 85 18.76 14.81 12.62
C SER A 85 18.29 13.58 11.84
N LEU A 86 17.35 13.80 10.92
CA LEU A 86 16.72 12.70 10.21
C LEU A 86 17.71 12.00 9.29
N ARG A 87 17.64 10.67 9.28
CA ARG A 87 18.47 9.81 8.44
C ARG A 87 17.60 9.05 7.45
N ALA A 88 18.26 8.35 6.53
CA ALA A 88 17.53 7.59 5.51
C ALA A 88 16.67 6.50 6.13
N GLU A 89 17.17 5.84 7.17
CA GLU A 89 16.43 4.77 7.82
C GLU A 89 15.25 5.28 8.65
N ASP A 90 15.02 6.60 8.72
CA ASP A 90 13.83 7.15 9.33
C ASP A 90 12.66 7.25 8.37
N THR A 91 12.89 7.06 7.08
CA THR A 91 11.82 7.02 6.09
C THR A 91 10.83 5.92 6.44
N ALA A 92 9.56 6.29 6.61
CA ALA A 92 8.53 5.36 7.04
C ALA A 92 7.18 6.06 7.02
N VAL A 93 6.12 5.27 7.11
CA VAL A 93 4.80 5.78 7.47
C VAL A 93 4.71 5.82 9.00
N TYR A 94 4.35 6.97 9.55
CA TYR A 94 4.24 7.14 10.99
C TYR A 94 2.77 7.16 11.39
N TYR A 95 2.43 6.34 12.38
CA TYR A 95 1.07 6.25 12.92
C TYR A 95 1.06 6.75 14.36
N CYS A 96 0.01 7.49 14.73
CA CYS A 96 -0.30 7.67 16.15
C CYS A 96 -1.31 6.60 16.54
N ALA A 97 -1.24 6.19 17.81
CA ALA A 97 -2.09 5.12 18.32
C ALA A 97 -2.46 5.43 19.76
N ARG A 98 -3.71 5.13 20.11
CA ARG A 98 -4.26 5.41 21.44
C ARG A 98 -4.16 4.15 22.29
N VAL A 99 -3.82 4.32 23.58
CA VAL A 99 -3.65 3.21 24.51
C VAL A 99 -4.94 2.96 25.27
N GLU A 100 -5.31 1.68 25.36
CA GLU A 100 -6.40 1.20 26.20
C GLU A 100 -5.81 0.30 27.28
N TYR A 101 -6.12 0.60 28.56
CA TYR A 101 -5.51 -0.05 29.72
C TYR A 101 -6.50 -0.98 30.42
N TYR A 102 -5.94 -2.02 31.05
CA TYR A 102 -6.65 -2.96 31.91
C TYR A 102 -5.86 -3.14 33.19
N TYR A 103 -6.56 -3.31 34.32
CA TYR A 103 -5.91 -3.39 35.63
C TYR A 103 -6.53 -4.51 36.44
N ASP A 104 -5.70 -5.20 37.24
CA ASP A 104 -6.21 -6.13 38.25
C ASP A 104 -5.18 -6.23 39.37
N SER A 105 -5.37 -7.21 40.26
CA SER A 105 -4.53 -7.30 41.44
C SER A 105 -3.07 -7.61 41.11
N SER A 106 -2.77 -8.04 39.89
CA SER A 106 -1.39 -8.38 39.54
C SER A 106 -0.66 -7.28 38.79
N GLY A 107 -1.35 -6.22 38.36
CA GLY A 107 -0.69 -5.15 37.62
C GLY A 107 -1.54 -4.55 36.51
N TYR A 108 -0.91 -4.01 35.47
CA TYR A 108 -1.62 -3.36 34.38
C TYR A 108 -1.17 -3.95 33.04
N TYR A 109 -2.09 -3.88 32.07
CA TYR A 109 -1.90 -4.40 30.73
C TYR A 109 -2.55 -3.44 29.76
N TYR A 110 -2.19 -3.56 28.48
CA TYR A 110 -2.69 -2.57 27.54
C TYR A 110 -2.62 -3.11 26.12
N ASP A 111 -3.34 -2.43 25.23
CA ASP A 111 -3.19 -2.59 23.80
C ASP A 111 -3.41 -1.22 23.16
N PHE A 112 -3.27 -1.18 21.84
CA PHE A 112 -3.53 0.04 21.06
C PHE A 112 -4.86 -0.14 20.34
N ASP A 113 -5.89 0.59 20.77
CA ASP A 113 -7.23 0.31 20.24
C ASP A 113 -7.60 1.15 19.01
N TYR A 114 -7.06 2.37 18.87
CA TYR A 114 -7.33 3.17 17.69
C TYR A 114 -6.02 3.70 17.12
N TRP A 115 -5.95 3.73 15.79
CA TRP A 115 -4.77 4.17 15.06
C TRP A 115 -5.14 5.26 14.06
N GLY A 116 -4.20 6.16 13.81
CA GLY A 116 -4.37 7.13 12.74
C GLY A 116 -4.22 6.46 11.37
N GLN A 117 -4.42 7.26 10.33
CA GLN A 117 -4.28 6.75 8.97
C GLN A 117 -2.82 6.65 8.51
N GLY A 118 -1.90 7.27 9.23
CA GLY A 118 -0.49 7.23 8.88
C GLY A 118 -0.07 8.38 7.97
N THR A 119 1.16 8.85 8.13
CA THR A 119 1.68 9.92 7.28
C THR A 119 3.12 9.59 6.90
N LEU A 120 3.44 9.74 5.61
CA LEU A 120 4.70 9.26 5.07
C LEU A 120 5.78 10.33 5.19
N VAL A 121 6.91 9.94 5.78
CA VAL A 121 8.09 10.79 5.86
C VAL A 121 9.14 10.21 4.93
N THR A 122 9.67 11.04 4.05
CA THR A 122 10.69 10.64 3.10
C THR A 122 11.93 11.47 3.35
N VAL A 123 13.02 10.82 3.73
CA VAL A 123 14.30 11.48 3.95
C VAL A 123 15.15 11.25 2.71
N SER A 124 15.35 12.30 1.92
CA SER A 124 16.07 12.19 0.67
C SER A 124 16.53 13.58 0.24
N SER A 125 17.67 13.62 -0.47
CA SER A 125 18.19 14.87 -1.00
C SER A 125 17.55 15.27 -2.31
N ALA A 126 16.67 14.44 -2.87
CA ALA A 126 16.07 14.73 -4.16
C ALA A 126 15.02 15.83 -4.03
N SER A 127 14.62 16.38 -5.18
CA SER A 127 13.69 17.49 -5.23
C SER A 127 12.27 17.00 -5.48
N THR A 128 11.31 17.78 -5.00
CA THR A 128 9.90 17.53 -5.26
C THR A 128 9.57 17.79 -6.73
N LYS A 129 8.81 16.89 -7.34
CA LYS A 129 8.37 17.06 -8.71
C LYS A 129 6.95 16.53 -8.87
N GLY A 130 6.08 17.34 -9.48
CA GLY A 130 4.73 16.93 -9.77
C GLY A 130 4.69 16.02 -10.99
N PRO A 131 3.69 15.13 -11.04
CA PRO A 131 3.62 14.14 -12.12
C PRO A 131 2.91 14.68 -13.36
N SER A 132 3.06 13.93 -14.44
CA SER A 132 2.21 14.05 -15.61
C SER A 132 1.20 12.91 -15.59
N VAL A 133 0.00 13.17 -16.09
CA VAL A 133 -1.06 12.18 -16.14
C VAL A 133 -1.42 11.91 -17.58
N PHE A 134 -1.22 10.68 -18.03
CA PHE A 134 -1.53 10.32 -19.40
C PHE A 134 -2.60 9.25 -19.44
N PRO A 135 -3.46 9.24 -20.46
CA PRO A 135 -4.53 8.24 -20.51
C PRO A 135 -4.05 6.88 -20.98
N LEU A 136 -4.73 5.84 -20.48
CA LEU A 136 -4.61 4.48 -21.00
C LEU A 136 -5.95 4.15 -21.66
N ALA A 137 -6.01 4.31 -22.97
CA ALA A 137 -7.28 4.36 -23.69
C ALA A 137 -7.83 2.95 -23.91
N PRO A 138 -9.15 2.78 -23.80
CA PRO A 138 -9.74 1.45 -24.02
C PRO A 138 -9.57 0.98 -25.46
N SER A 139 -9.18 -0.28 -25.62
CA SER A 139 -8.88 -0.87 -26.92
C SER A 139 -10.15 -1.28 -27.65
N SER A 140 -10.00 -1.46 -28.97
CA SER A 140 -11.11 -1.87 -29.84
C SER A 140 -11.28 -3.39 -29.76
N LYS A 141 -11.80 -3.84 -28.63
CA LYS A 141 -12.03 -5.26 -28.39
C LYS A 141 -13.46 -5.65 -28.70
N GLY A 145 -19.41 -6.01 -26.74
CA GLY A 145 -18.06 -6.19 -27.23
C GLY A 145 -17.15 -6.97 -26.29
N GLY A 146 -17.63 -7.18 -25.07
CA GLY A 146 -16.88 -7.94 -24.06
C GLY A 146 -16.59 -7.08 -22.83
N THR A 147 -15.37 -7.24 -22.32
CA THR A 147 -14.90 -6.48 -21.16
C THR A 147 -13.68 -5.68 -21.59
N ALA A 148 -13.74 -4.36 -21.40
CA ALA A 148 -12.66 -3.46 -21.76
C ALA A 148 -11.92 -2.97 -20.52
N ALA A 149 -10.69 -2.53 -20.74
CA ALA A 149 -9.86 -1.98 -19.67
C ALA A 149 -9.34 -0.61 -20.09
N LEU A 150 -9.31 0.32 -19.14
CA LEU A 150 -8.74 1.63 -19.36
C LEU A 150 -8.12 2.10 -18.06
N GLY A 151 -7.31 3.14 -18.14
CA GLY A 151 -6.66 3.63 -16.95
C GLY A 151 -5.92 4.92 -17.16
N CYS A 152 -5.01 5.20 -16.22
CA CYS A 152 -4.24 6.43 -16.21
C CYS A 152 -2.82 6.13 -15.76
N LEU A 153 -1.85 6.71 -16.46
CA LEU A 153 -0.44 6.59 -16.11
C LEU A 153 0.00 7.87 -15.43
N VAL A 154 0.36 7.77 -14.16
CA VAL A 154 0.83 8.90 -13.36
C VAL A 154 2.35 8.80 -13.29
N LYS A 155 3.04 9.67 -14.02
CA LYS A 155 4.44 9.44 -14.37
C LYS A 155 5.32 10.60 -13.92
N ASP A 156 6.50 10.24 -13.41
CA ASP A 156 7.58 11.18 -13.09
C ASP A 156 7.15 12.16 -11.99
N TYR A 157 7.07 11.62 -10.77
CA TYR A 157 6.81 12.44 -9.59
C TYR A 157 7.76 12.01 -8.48
N PHE A 158 7.83 12.87 -7.45
CA PHE A 158 8.62 12.62 -6.24
C PHE A 158 8.26 13.66 -5.20
N PRO A 159 8.17 13.28 -3.91
CA PRO A 159 8.25 11.92 -3.38
C PRO A 159 6.90 11.22 -3.47
N GLU A 160 6.80 10.02 -2.89
CA GLU A 160 5.52 9.40 -2.65
C GLU A 160 4.74 10.23 -1.63
N PRO A 161 3.40 10.07 -1.60
CA PRO A 161 2.57 9.25 -2.48
C PRO A 161 1.69 10.07 -3.42
N VAL A 162 0.93 9.37 -4.26
CA VAL A 162 -0.14 9.97 -5.04
C VAL A 162 -1.42 9.23 -4.73
N THR A 163 -2.55 9.91 -4.88
CA THR A 163 -3.87 9.31 -4.73
C THR A 163 -4.60 9.34 -6.06
N VAL A 164 -5.23 8.24 -6.40
CA VAL A 164 -6.00 8.12 -7.63
C VAL A 164 -7.39 7.61 -7.27
N SER A 165 -8.42 8.34 -7.72
CA SER A 165 -9.79 7.89 -7.68
C SER A 165 -10.39 7.99 -9.08
N TRP A 166 -11.53 7.34 -9.29
CA TRP A 166 -12.21 7.34 -10.57
C TRP A 166 -13.61 7.89 -10.41
N ASN A 167 -13.94 8.90 -11.23
CA ASN A 167 -15.23 9.59 -11.16
C ASN A 167 -15.47 10.17 -9.77
N SER A 168 -14.43 10.77 -9.19
CA SER A 168 -14.45 11.39 -7.87
C SER A 168 -14.88 10.42 -6.77
N GLY A 169 -14.67 9.12 -6.98
CA GLY A 169 -15.05 8.10 -6.02
C GLY A 169 -16.29 7.31 -6.38
N ALA A 170 -16.99 7.70 -7.44
CA ALA A 170 -18.19 6.97 -7.84
C ALA A 170 -17.87 5.57 -8.36
N LEU A 171 -16.68 5.39 -8.93
CA LEU A 171 -16.27 4.13 -9.54
C LEU A 171 -15.15 3.52 -8.71
N THR A 172 -15.42 2.40 -8.05
CA THR A 172 -14.42 1.67 -7.29
C THR A 172 -14.41 0.21 -7.70
N SER A 173 -15.56 -0.29 -8.15
CA SER A 173 -15.68 -1.66 -8.62
C SER A 173 -14.73 -1.88 -9.81
N GLY A 174 -13.79 -2.80 -9.65
CA GLY A 174 -12.88 -3.14 -10.72
C GLY A 174 -11.66 -2.25 -10.85
N VAL A 175 -11.41 -1.37 -9.88
CA VAL A 175 -10.26 -0.46 -9.93
C VAL A 175 -9.06 -1.15 -9.29
N HIS A 176 -7.91 -1.04 -9.97
CA HIS A 176 -6.63 -1.53 -9.45
C HIS A 176 -5.62 -0.40 -9.55
N THR A 177 -5.19 0.13 -8.40
CA THR A 177 -4.13 1.13 -8.36
C THR A 177 -2.85 0.41 -7.91
N PHE A 178 -1.86 0.36 -8.80
CA PHE A 178 -0.68 -0.44 -8.57
C PHE A 178 0.35 0.32 -7.75
N PRO A 179 1.21 -0.40 -7.02
CA PRO A 179 2.33 0.27 -6.34
C PRO A 179 3.20 1.00 -7.35
N ALA A 180 3.72 2.15 -6.94
CA ALA A 180 4.62 2.90 -7.81
C ALA A 180 5.92 2.15 -8.00
N VAL A 181 6.55 2.36 -9.16
CA VAL A 181 7.89 1.87 -9.41
C VAL A 181 8.83 3.06 -9.41
N LEU A 182 10.04 2.86 -8.88
CA LEU A 182 11.07 3.88 -8.89
C LEU A 182 11.86 3.73 -10.19
N GLN A 183 11.74 4.72 -11.08
CA GLN A 183 12.42 4.66 -12.36
C GLN A 183 13.89 4.99 -12.20
N SER A 184 14.65 4.69 -13.26
CA SER A 184 16.09 4.96 -13.30
C SER A 184 16.42 6.41 -12.99
N SER A 185 15.51 7.33 -13.32
CA SER A 185 15.74 8.75 -13.09
C SER A 185 15.61 9.15 -11.62
N GLY A 186 15.12 8.26 -10.76
CA GLY A 186 14.79 8.62 -9.40
C GLY A 186 13.40 9.19 -9.23
N LEU A 187 12.59 9.17 -10.28
CA LEU A 187 11.21 9.63 -10.23
C LEU A 187 10.28 8.42 -10.23
N TYR A 188 9.18 8.53 -9.51
CA TYR A 188 8.24 7.42 -9.44
C TYR A 188 7.28 7.46 -10.63
N SER A 189 6.70 6.30 -10.91
CA SER A 189 5.66 6.19 -11.90
C SER A 189 4.70 5.11 -11.43
N LEU A 190 3.41 5.37 -11.52
CA LEU A 190 2.43 4.33 -11.24
C LEU A 190 1.26 4.45 -12.19
N SER A 191 0.49 3.38 -12.26
CA SER A 191 -0.67 3.30 -13.11
C SER A 191 -1.87 2.90 -12.27
N SER A 192 -3.05 3.32 -12.74
CA SER A 192 -4.33 2.92 -12.16
C SER A 192 -5.23 2.50 -13.31
N VAL A 193 -5.92 1.37 -13.16
CA VAL A 193 -6.72 0.80 -14.24
C VAL A 193 -8.10 0.44 -13.71
N VAL A 194 -9.06 0.37 -14.63
CA VAL A 194 -10.41 -0.09 -14.34
C VAL A 194 -10.88 -0.97 -15.50
N THR A 195 -11.58 -2.04 -15.17
CA THR A 195 -12.27 -2.85 -16.17
C THR A 195 -13.75 -2.51 -16.15
N VAL A 196 -14.29 -2.18 -17.31
CA VAL A 196 -15.69 -1.78 -17.43
C VAL A 196 -16.32 -2.52 -18.59
N PRO A 197 -17.65 -2.70 -18.56
CA PRO A 197 -18.33 -3.26 -19.73
C PRO A 197 -18.07 -2.43 -20.96
N SER A 198 -17.41 -3.05 -21.94
CA SER A 198 -17.08 -2.35 -23.18
C SER A 198 -18.33 -1.89 -23.92
N SER A 199 -19.49 -2.44 -23.58
CA SER A 199 -20.76 -1.99 -24.15
C SER A 199 -21.11 -0.56 -23.77
N SER A 200 -20.36 0.06 -22.86
CA SER A 200 -20.69 1.40 -22.36
C SER A 200 -19.53 2.38 -22.54
N LEU A 201 -18.62 2.12 -23.48
CA LEU A 201 -17.48 3.01 -23.67
C LEU A 201 -17.87 4.31 -24.36
N GLY A 202 -19.04 4.37 -24.99
CA GLY A 202 -19.46 5.58 -25.65
C GLY A 202 -20.37 6.44 -24.79
N THR A 203 -21.19 5.78 -23.97
CA THR A 203 -22.17 6.51 -23.17
C THR A 203 -21.55 7.07 -21.89
N GLN A 204 -20.77 6.26 -21.19
CA GLN A 204 -20.22 6.65 -19.89
C GLN A 204 -18.91 7.42 -20.06
N THR A 205 -18.69 8.36 -19.14
CA THR A 205 -17.50 9.21 -19.13
C THR A 205 -16.66 8.87 -17.91
N TYR A 206 -15.41 8.46 -18.15
CA TYR A 206 -14.50 8.01 -17.10
C TYR A 206 -13.39 9.02 -16.90
N ILE A 207 -13.21 9.47 -15.66
CA ILE A 207 -12.17 10.43 -15.29
C ILE A 207 -11.39 9.86 -14.12
N CYS A 208 -10.06 9.91 -14.20
CA CYS A 208 -9.21 9.57 -13.07
C CYS A 208 -8.80 10.85 -12.37
N ASN A 209 -8.93 10.88 -11.06
CA ASN A 209 -8.62 12.06 -10.25
C ASN A 209 -7.29 11.79 -9.56
N VAL A 210 -6.24 12.44 -10.04
CA VAL A 210 -4.89 12.27 -9.52
C VAL A 210 -4.57 13.45 -8.62
N ASN A 211 -4.05 13.16 -7.43
CA ASN A 211 -3.67 14.19 -6.46
C ASN A 211 -2.28 13.86 -5.92
N HIS A 212 -1.33 14.75 -6.14
CA HIS A 212 0.01 14.65 -5.59
C HIS A 212 0.21 15.84 -4.66
N LYS A 213 -0.09 15.64 -3.37
CA LYS A 213 0.05 16.71 -2.40
C LYS A 213 1.48 17.23 -2.27
N PRO A 214 2.53 16.40 -2.26
CA PRO A 214 3.90 16.94 -2.11
C PRO A 214 4.24 18.06 -3.09
N SER A 215 3.66 18.07 -4.30
CA SER A 215 3.88 19.13 -5.27
C SER A 215 2.67 20.03 -5.47
N ASN A 216 1.60 19.83 -4.70
CA ASN A 216 0.34 20.56 -4.87
C ASN A 216 -0.17 20.44 -6.31
N THR A 217 -0.33 19.19 -6.75
CA THR A 217 -0.79 18.89 -8.09
C THR A 217 -2.10 18.12 -8.03
N LYS A 218 -3.09 18.58 -8.79
CA LYS A 218 -4.41 17.97 -8.86
C LYS A 218 -4.83 17.92 -10.32
N VAL A 219 -5.00 16.72 -10.85
CA VAL A 219 -5.33 16.52 -12.27
C VAL A 219 -6.55 15.60 -12.37
N ASP A 220 -7.50 16.01 -13.20
CA ASP A 220 -8.64 15.17 -13.60
C ASP A 220 -8.54 15.01 -15.12
N LYS A 221 -8.02 13.87 -15.57
CA LYS A 221 -7.86 13.61 -17.00
C LYS A 221 -8.95 12.66 -17.46
N LYS A 222 -9.76 13.13 -18.42
CA LYS A 222 -10.76 12.27 -19.04
C LYS A 222 -10.10 11.23 -19.94
N VAL A 223 -10.57 9.99 -19.82
CA VAL A 223 -10.04 8.87 -20.59
C VAL A 223 -11.14 8.38 -21.53
N GLU A 224 -10.89 8.46 -22.83
CA GLU A 224 -11.83 8.04 -23.85
C GLU A 224 -11.09 7.30 -24.95
N PRO A 225 -11.78 6.42 -25.68
CA PRO A 225 -11.11 5.68 -26.76
C PRO A 225 -10.75 6.58 -27.93
N LYS A 226 -9.72 6.18 -28.66
CA LYS A 226 -9.24 6.90 -29.83
C LYS A 226 -9.84 6.30 -31.10
N SER A 227 -9.97 7.13 -32.13
CA SER A 227 -10.56 6.69 -33.40
C SER A 227 -9.64 5.73 -34.15
N MET B 4 17.46 -2.89 12.52
CA MET B 4 17.31 -3.60 11.25
C MET B 4 15.84 -3.96 11.01
N THR B 5 15.34 -3.63 9.82
CA THR B 5 13.96 -3.88 9.47
C THR B 5 13.80 -5.25 8.81
N GLN B 6 12.60 -5.80 8.91
CA GLN B 6 12.32 -7.14 8.40
C GLN B 6 11.03 -7.14 7.59
N SER B 7 11.10 -7.73 6.39
CA SER B 7 9.90 -7.93 5.59
C SER B 7 9.03 -9.02 6.23
N PRO B 8 7.71 -8.91 6.09
CA PRO B 8 6.82 -9.95 6.63
C PRO B 8 7.09 -11.31 6.01
N LEU B 9 6.81 -12.37 6.78
CA LEU B 9 6.89 -13.74 6.28
C LEU B 9 5.59 -14.12 5.60
N SER B 10 5.69 -15.00 4.60
CA SER B 10 4.54 -15.48 3.85
C SER B 10 4.09 -16.84 4.38
N LEU B 11 2.81 -16.96 4.72
CA LEU B 11 2.21 -18.22 5.14
C LEU B 11 1.08 -18.60 4.19
N PRO B 12 1.32 -19.49 3.24
CA PRO B 12 0.22 -19.90 2.35
C PRO B 12 -0.75 -20.82 3.08
N VAL B 13 -2.05 -20.55 2.93
CA VAL B 13 -3.10 -21.31 3.58
C VAL B 13 -4.22 -21.57 2.56
N THR B 14 -4.80 -22.76 2.63
CA THR B 14 -5.94 -23.12 1.80
C THR B 14 -7.23 -22.66 2.46
N PRO B 15 -8.14 -22.01 1.72
CA PRO B 15 -9.38 -21.54 2.34
C PRO B 15 -10.18 -22.69 2.91
N GLY B 16 -10.81 -22.45 4.07
CA GLY B 16 -11.53 -23.47 4.78
C GLY B 16 -10.68 -24.34 5.68
N GLU B 17 -9.36 -24.24 5.61
CA GLU B 17 -8.44 -25.00 6.43
C GLU B 17 -7.87 -24.14 7.55
N PRO B 18 -7.40 -24.75 8.63
CA PRO B 18 -6.86 -23.96 9.75
C PRO B 18 -5.49 -23.37 9.44
N ALA B 19 -5.18 -22.27 10.13
CA ALA B 19 -3.87 -21.65 10.10
C ALA B 19 -3.43 -21.36 11.52
N SER B 20 -2.10 -21.40 11.73
CA SER B 20 -1.51 -21.06 13.02
C SER B 20 -0.35 -20.12 12.78
N ILE B 21 -0.36 -18.97 13.45
CA ILE B 21 0.62 -17.91 13.25
C ILE B 21 1.40 -17.73 14.54
N SER B 22 2.71 -17.95 14.49
CA SER B 22 3.56 -17.77 15.66
C SER B 22 3.85 -16.30 15.89
N CYS B 23 4.03 -15.95 17.17
CA CYS B 23 4.28 -14.55 17.52
C CYS B 23 5.56 -14.04 16.88
N ARG B 24 6.59 -14.88 16.77
CA ARG B 24 7.86 -14.55 16.13
C ARG B 24 8.43 -13.25 16.69
N SER B 25 8.71 -13.29 18.00
CA SER B 25 9.19 -12.12 18.74
C SER B 25 10.71 -11.97 18.65
N SER B 26 11.45 -13.08 18.71
CA SER B 26 12.91 -13.06 18.69
C SER B 26 13.49 -12.18 19.80
N GLY B 34 1.32 -15.02 32.94
CA GLY B 34 0.78 -15.69 31.78
C GLY B 34 0.96 -14.93 30.48
N TYR B 35 -0.03 -15.03 29.59
CA TYR B 35 0.00 -14.38 28.28
C TYR B 35 -0.87 -13.13 28.22
N ASN B 36 -1.17 -12.51 29.36
CA ASN B 36 -1.98 -11.29 29.36
C ASN B 36 -1.29 -10.14 28.64
N TYR B 37 0.03 -10.23 28.44
CA TYR B 37 0.83 -9.16 27.86
C TYR B 37 0.92 -9.24 26.34
N LEU B 38 0.18 -10.14 25.70
CA LEU B 38 0.31 -10.38 24.27
C LEU B 38 -0.94 -9.93 23.53
N ASP B 39 -0.75 -9.20 22.44
CA ASP B 39 -1.83 -8.74 21.59
C ASP B 39 -1.53 -9.13 20.15
N TRP B 40 -2.58 -9.25 19.34
CA TRP B 40 -2.45 -9.49 17.91
C TRP B 40 -3.11 -8.36 17.13
N TYR B 41 -2.48 -7.97 16.03
CA TYR B 41 -3.02 -6.97 15.12
C TYR B 41 -3.02 -7.53 13.70
N LEU B 42 -4.01 -7.11 12.91
CA LEU B 42 -4.10 -7.42 11.49
C LEU B 42 -3.97 -6.12 10.70
N GLN B 43 -3.09 -6.11 9.71
CA GLN B 43 -2.95 -4.97 8.81
C GLN B 43 -3.34 -5.43 7.41
N LYS B 44 -4.58 -5.14 7.03
CA LYS B 44 -5.07 -5.44 5.68
C LYS B 44 -4.40 -4.52 4.66
N PRO B 45 -4.39 -4.93 3.38
CA PRO B 45 -3.71 -4.14 2.36
C PRO B 45 -4.14 -2.68 2.34
N GLY B 46 -3.15 -1.78 2.36
CA GLY B 46 -3.39 -0.36 2.24
C GLY B 46 -4.00 0.31 3.45
N GLN B 47 -4.07 -0.37 4.60
CA GLN B 47 -4.73 0.17 5.78
C GLN B 47 -3.76 0.20 6.96
N SER B 48 -4.22 0.78 8.05
CA SER B 48 -3.46 0.81 9.29
C SER B 48 -3.76 -0.43 10.11
N PRO B 49 -2.92 -0.76 11.11
CA PRO B 49 -3.20 -1.95 11.92
C PRO B 49 -4.50 -1.82 12.69
N GLN B 50 -5.16 -2.96 12.90
CA GLN B 50 -6.39 -3.03 13.66
C GLN B 50 -6.27 -4.13 14.71
N LEU B 51 -6.77 -3.84 15.91
CA LEU B 51 -6.65 -4.78 17.02
C LEU B 51 -7.49 -6.02 16.75
N LEU B 52 -6.90 -7.19 16.97
CA LEU B 52 -7.58 -8.46 16.77
C LEU B 52 -7.80 -9.19 18.10
N ILE B 53 -6.71 -9.46 18.82
CA ILE B 53 -6.74 -10.20 20.08
C ILE B 53 -6.03 -9.36 21.12
N TYR B 54 -6.60 -9.28 22.33
CA TYR B 54 -5.98 -8.57 23.43
C TYR B 54 -6.03 -9.46 24.67
N LEU B 55 -5.10 -9.19 25.60
CA LEU B 55 -4.94 -9.99 26.81
C LEU B 55 -4.75 -11.47 26.48
N GLY B 56 -3.98 -11.74 25.43
CA GLY B 56 -3.69 -13.11 25.04
C GLY B 56 -4.72 -13.86 24.23
N SER B 57 -6.01 -13.80 24.62
CA SER B 57 -7.00 -14.59 23.92
C SER B 57 -8.41 -13.99 23.92
N ASN B 58 -8.56 -12.70 24.25
CA ASN B 58 -9.86 -12.03 24.11
C ASN B 58 -9.98 -11.44 22.72
N ARG B 59 -11.11 -11.68 22.07
CA ARG B 59 -11.38 -11.12 20.75
C ARG B 59 -11.90 -9.69 20.86
N ALA B 60 -11.28 -8.77 20.13
CA ALA B 60 -11.86 -7.45 19.98
C ALA B 60 -13.24 -7.56 19.32
N SER B 61 -14.07 -6.54 19.55
CA SER B 61 -15.43 -6.58 19.02
C SER B 61 -15.42 -6.69 17.51
N GLY B 62 -16.35 -7.48 16.98
CA GLY B 62 -16.44 -7.69 15.55
C GLY B 62 -15.43 -8.65 14.98
N VAL B 63 -14.53 -9.19 15.79
CA VAL B 63 -13.58 -10.19 15.31
C VAL B 63 -14.28 -11.55 15.30
N PRO B 64 -14.30 -12.25 14.17
CA PRO B 64 -15.14 -13.45 14.05
C PRO B 64 -14.71 -14.56 14.99
N ASP B 65 -15.62 -15.53 15.16
CA ASP B 65 -15.37 -16.71 15.99
C ASP B 65 -14.02 -17.36 15.67
N ARG B 66 -13.67 -17.41 14.39
CA ARG B 66 -12.57 -18.26 13.92
C ARG B 66 -11.23 -17.87 14.51
N PHE B 67 -11.09 -16.64 15.01
CA PHE B 67 -9.83 -16.16 15.58
C PHE B 67 -9.77 -16.44 17.08
N SER B 68 -8.60 -16.91 17.53
CA SER B 68 -8.39 -17.18 18.95
C SER B 68 -6.89 -17.19 19.22
N GLY B 69 -6.54 -16.92 20.48
CA GLY B 69 -5.16 -16.97 20.93
C GLY B 69 -4.95 -18.15 21.87
N SER B 70 -3.72 -18.67 21.89
CA SER B 70 -3.36 -19.73 22.81
C SER B 70 -1.85 -19.74 22.99
N GLY B 71 -1.42 -20.21 24.17
CA GLY B 71 -0.01 -20.29 24.49
C GLY B 71 0.58 -21.68 24.28
N PHE B 76 3.26 -19.51 21.98
CA PHE B 76 2.10 -18.65 21.85
C PHE B 76 1.83 -18.28 20.39
N THR B 77 0.61 -18.58 19.93
CA THR B 77 0.28 -18.44 18.52
C THR B 77 -1.12 -17.85 18.35
N LEU B 78 -1.41 -17.41 17.14
CA LEU B 78 -2.75 -17.03 16.72
C LEU B 78 -3.30 -18.13 15.82
N LYS B 79 -4.54 -18.54 16.06
CA LYS B 79 -5.16 -19.65 15.35
C LYS B 79 -6.40 -19.17 14.63
N ILE B 80 -6.51 -19.52 13.34
CA ILE B 80 -7.71 -19.30 12.56
C ILE B 80 -8.28 -20.68 12.24
N SER B 81 -9.49 -20.97 12.74
CA SER B 81 -10.04 -22.31 12.62
C SER B 81 -10.28 -22.67 11.16
N ARG B 82 -10.91 -21.79 10.39
CA ARG B 82 -11.01 -21.93 8.95
C ARG B 82 -10.71 -20.58 8.32
N VAL B 83 -9.79 -20.57 7.36
CA VAL B 83 -9.35 -19.33 6.73
C VAL B 83 -10.31 -18.94 5.63
N GLU B 84 -10.66 -17.66 5.59
CA GLU B 84 -11.52 -17.08 4.57
C GLU B 84 -10.77 -16.02 3.80
N ALA B 85 -11.31 -15.65 2.63
CA ALA B 85 -10.64 -14.71 1.74
C ALA B 85 -10.38 -13.37 2.43
N GLU B 86 -11.33 -12.92 3.25
CA GLU B 86 -11.20 -11.62 3.92
C GLU B 86 -10.09 -11.59 4.96
N ASP B 87 -9.41 -12.70 5.23
CA ASP B 87 -8.36 -12.71 6.24
C ASP B 87 -6.99 -12.32 5.70
N VAL B 88 -6.86 -12.06 4.39
CA VAL B 88 -5.56 -11.71 3.83
C VAL B 88 -5.04 -10.44 4.46
N GLY B 89 -3.74 -10.42 4.72
CA GLY B 89 -3.09 -9.29 5.36
C GLY B 89 -1.90 -9.78 6.16
N VAL B 90 -1.32 -8.84 6.90
CA VAL B 90 -0.12 -9.10 7.69
C VAL B 90 -0.50 -9.04 9.17
N TYR B 91 -0.20 -10.13 9.89
CA TYR B 91 -0.52 -10.24 11.30
C TYR B 91 0.71 -9.94 12.14
N TYR B 92 0.52 -9.15 13.19
CA TYR B 92 1.61 -8.68 14.03
C TYR B 92 1.31 -9.01 15.48
N CYS B 93 2.25 -9.67 16.14
CA CYS B 93 2.18 -9.92 17.57
C CYS B 93 2.85 -8.75 18.29
N MET B 94 2.22 -8.26 19.37
CA MET B 94 2.79 -7.18 20.17
C MET B 94 2.98 -7.66 21.59
N GLN B 95 4.20 -7.50 22.11
CA GLN B 95 4.48 -7.70 23.53
C GLN B 95 4.30 -6.37 24.24
N ALA B 96 3.23 -6.25 25.02
CA ALA B 96 2.87 -4.98 25.64
C ALA B 96 3.48 -4.93 27.05
N LEU B 97 4.80 -4.71 27.08
CA LEU B 97 5.54 -4.60 28.32
C LEU B 97 5.64 -3.11 28.71
N GLN B 98 6.60 -2.74 29.55
CA GLN B 98 6.75 -1.33 29.92
C GLN B 98 6.84 -0.47 28.67
N THR B 99 7.63 -0.90 27.69
CA THR B 99 7.59 -0.39 26.34
C THR B 99 7.16 -1.51 25.39
N PRO B 100 6.33 -1.21 24.40
CA PRO B 100 5.85 -2.27 23.51
C PRO B 100 6.87 -2.64 22.45
N THR B 101 6.74 -3.86 21.95
CA THR B 101 7.56 -4.34 20.86
C THR B 101 6.69 -5.19 19.94
N PHE B 102 6.94 -5.09 18.64
CA PHE B 102 6.20 -5.85 17.63
C PHE B 102 7.10 -6.90 16.99
N GLY B 103 6.56 -8.10 16.81
CA GLY B 103 7.30 -9.15 16.12
C GLY B 103 7.29 -8.96 14.61
N GLN B 104 8.03 -9.83 13.94
CA GLN B 104 8.00 -9.86 12.48
C GLN B 104 6.60 -10.21 12.01
N GLY B 105 6.16 -9.55 10.94
CA GLY B 105 4.84 -9.84 10.41
C GLY B 105 4.78 -11.19 9.72
N THR B 106 3.57 -11.75 9.66
CA THR B 106 3.26 -12.94 8.88
C THR B 106 2.14 -12.58 7.91
N ARG B 107 2.42 -12.64 6.61
CA ARG B 107 1.43 -12.32 5.58
C ARG B 107 0.73 -13.60 5.14
N LEU B 108 -0.58 -13.67 5.37
CA LEU B 108 -1.37 -14.80 4.91
C LEU B 108 -1.49 -14.78 3.39
N GLU B 109 -1.23 -15.91 2.75
CA GLU B 109 -1.43 -16.09 1.32
C GLU B 109 -2.55 -17.11 1.14
N ILE B 110 -3.67 -16.68 0.56
CA ILE B 110 -4.85 -17.54 0.42
C ILE B 110 -4.69 -18.34 -0.87
N LYS B 111 -4.74 -19.67 -0.75
CA LYS B 111 -4.52 -20.57 -1.89
C LYS B 111 -5.86 -20.92 -2.52
N ARG B 112 -6.34 -20.02 -3.38
CA ARG B 112 -7.56 -20.25 -4.14
C ARG B 112 -7.27 -21.08 -5.38
N THR B 113 -8.32 -21.31 -6.19
CA THR B 113 -8.15 -22.03 -7.45
C THR B 113 -7.38 -21.18 -8.46
N VAL B 114 -6.78 -21.87 -9.43
CA VAL B 114 -6.02 -21.19 -10.48
C VAL B 114 -6.96 -20.34 -11.32
N ALA B 115 -6.55 -19.10 -11.59
CA ALA B 115 -7.32 -18.17 -12.41
C ALA B 115 -6.37 -17.48 -13.39
N ALA B 116 -6.65 -17.63 -14.67
CA ALA B 116 -5.79 -17.03 -15.68
C ALA B 116 -5.94 -15.51 -15.69
N PRO B 117 -4.89 -14.79 -16.09
CA PRO B 117 -5.01 -13.33 -16.20
C PRO B 117 -5.71 -12.92 -17.48
N SER B 118 -6.46 -11.81 -17.39
CA SER B 118 -6.93 -11.10 -18.56
C SER B 118 -5.88 -10.06 -18.94
N VAL B 119 -5.47 -10.07 -20.22
CA VAL B 119 -4.33 -9.28 -20.67
C VAL B 119 -4.82 -8.13 -21.55
N PHE B 120 -4.19 -6.96 -21.38
CA PHE B 120 -4.48 -5.78 -22.17
C PHE B 120 -3.18 -5.02 -22.42
N ILE B 121 -3.01 -4.50 -23.64
CA ILE B 121 -1.84 -3.71 -23.97
C ILE B 121 -2.27 -2.30 -24.33
N PHE B 122 -1.51 -1.30 -23.87
CA PHE B 122 -1.85 0.11 -24.08
C PHE B 122 -0.72 0.81 -24.83
N PRO B 123 -1.00 1.42 -25.98
CA PRO B 123 0.01 2.26 -26.65
C PRO B 123 0.29 3.52 -25.87
N PRO B 124 1.41 4.20 -26.13
CA PRO B 124 1.63 5.52 -25.51
C PRO B 124 0.63 6.53 -26.04
N SER B 125 0.20 7.42 -25.15
CA SER B 125 -0.73 8.47 -25.54
C SER B 125 -0.04 9.48 -26.46
N ASP B 126 -0.84 10.07 -27.36
CA ASP B 126 -0.34 11.17 -28.17
C ASP B 126 0.23 12.29 -27.30
N GLU B 127 -0.38 12.53 -26.13
CA GLU B 127 0.10 13.59 -25.26
C GLU B 127 1.52 13.32 -24.76
N GLN B 128 1.81 12.07 -24.38
CA GLN B 128 3.14 11.74 -23.88
C GLN B 128 4.20 11.85 -24.97
N LEU B 129 3.87 11.39 -26.19
CA LEU B 129 4.83 11.45 -27.28
C LEU B 129 5.30 12.88 -27.54
N LYS B 130 4.42 13.87 -27.32
CA LYS B 130 4.83 15.27 -27.46
C LYS B 130 5.97 15.64 -26.52
N SER B 131 6.21 14.83 -25.49
CA SER B 131 7.22 15.13 -24.47
C SER B 131 8.57 14.46 -24.72
N GLY B 132 8.66 13.56 -25.69
CA GLY B 132 9.92 12.90 -26.00
C GLY B 132 10.11 11.51 -25.40
N THR B 133 9.13 11.01 -24.66
CA THR B 133 9.22 9.68 -24.07
C THR B 133 7.97 8.90 -24.41
N ALA B 134 8.10 7.57 -24.46
CA ALA B 134 6.98 6.69 -24.75
C ALA B 134 6.93 5.57 -23.72
N SER B 135 5.75 5.37 -23.15
CA SER B 135 5.50 4.28 -22.19
C SER B 135 4.44 3.36 -22.76
N VAL B 136 4.81 2.09 -22.95
CA VAL B 136 3.87 1.06 -23.37
C VAL B 136 3.54 0.21 -22.15
N VAL B 137 2.25 -0.04 -21.91
CA VAL B 137 1.78 -0.65 -20.67
C VAL B 137 1.04 -1.95 -21.00
N CYS B 138 1.31 -2.98 -20.20
CA CYS B 138 0.67 -4.28 -20.31
C CYS B 138 0.01 -4.60 -18.98
N LEU B 139 -1.29 -4.90 -19.01
CA LEU B 139 -2.06 -5.17 -17.80
C LEU B 139 -2.40 -6.65 -17.73
N LEU B 140 -2.15 -7.25 -16.57
CA LEU B 140 -2.55 -8.63 -16.26
C LEU B 140 -3.53 -8.56 -15.10
N ASN B 141 -4.80 -8.85 -15.38
CA ASN B 141 -5.87 -8.59 -14.42
C ASN B 141 -6.35 -9.89 -13.76
N ASN B 142 -6.36 -9.88 -12.43
CA ASN B 142 -7.09 -10.84 -11.60
C ASN B 142 -6.68 -12.29 -11.90
N PHE B 143 -5.44 -12.60 -11.55
CA PHE B 143 -4.91 -13.95 -11.73
C PHE B 143 -4.46 -14.55 -10.40
N TYR B 144 -4.32 -15.88 -10.40
CA TYR B 144 -3.78 -16.63 -9.28
C TYR B 144 -3.27 -17.95 -9.86
N PRO B 145 -2.08 -18.42 -9.46
CA PRO B 145 -1.18 -17.89 -8.42
C PRO B 145 -0.40 -16.65 -8.83
N ARG B 146 0.42 -16.16 -7.89
CA ARG B 146 1.16 -14.91 -8.06
C ARG B 146 2.15 -15.00 -9.22
N GLU B 147 2.65 -16.19 -9.52
CA GLU B 147 3.71 -16.35 -10.51
C GLU B 147 3.20 -16.13 -11.93
N ALA B 148 3.31 -14.90 -12.43
CA ALA B 148 3.04 -14.59 -13.82
C ALA B 148 4.26 -13.88 -14.38
N LYS B 149 4.56 -14.12 -15.66
CA LYS B 149 5.75 -13.57 -16.30
C LYS B 149 5.34 -12.79 -17.54
N VAL B 150 5.92 -11.61 -17.69
CA VAL B 150 5.69 -10.76 -18.86
C VAL B 150 6.98 -10.66 -19.64
N GLN B 151 6.86 -10.74 -20.97
CA GLN B 151 7.99 -10.55 -21.87
C GLN B 151 7.57 -9.57 -22.95
N TRP B 152 8.42 -8.59 -23.22
CA TRP B 152 8.16 -7.57 -24.22
C TRP B 152 8.90 -7.91 -25.52
N LYS B 153 8.22 -7.73 -26.65
CA LYS B 153 8.82 -7.87 -27.96
C LYS B 153 8.49 -6.66 -28.81
N VAL B 154 9.50 -6.11 -29.47
CA VAL B 154 9.35 -4.97 -30.37
C VAL B 154 9.90 -5.38 -31.73
N ASP B 155 9.08 -5.30 -32.77
CA ASP B 155 9.40 -5.85 -34.09
C ASP B 155 9.95 -7.27 -33.97
N ASN B 156 9.28 -8.09 -33.15
CA ASN B 156 9.65 -9.49 -32.92
C ASN B 156 11.10 -9.62 -32.44
N ALA B 157 11.48 -8.74 -31.52
CA ALA B 157 12.80 -8.79 -30.90
C ALA B 157 12.63 -8.63 -29.39
N LEU B 158 13.16 -9.59 -28.63
CA LEU B 158 13.02 -9.58 -27.18
C LEU B 158 13.62 -8.33 -26.58
N GLN B 159 12.87 -7.69 -25.69
CA GLN B 159 13.34 -6.49 -25.01
C GLN B 159 14.02 -6.87 -23.70
N SER B 160 15.11 -6.17 -23.40
CA SER B 160 15.92 -6.48 -22.22
C SER B 160 16.28 -5.17 -21.53
N GLY B 161 15.96 -5.07 -20.24
CA GLY B 161 16.46 -3.99 -19.41
C GLY B 161 15.68 -2.71 -19.44
N ASN B 162 14.59 -2.63 -20.19
CA ASN B 162 13.86 -1.39 -20.38
C ASN B 162 12.41 -1.48 -19.89
N SER B 163 12.10 -2.42 -18.99
CA SER B 163 10.75 -2.54 -18.45
C SER B 163 10.78 -2.64 -16.93
N GLN B 164 9.65 -2.28 -16.32
CA GLN B 164 9.44 -2.44 -14.88
C GLN B 164 7.99 -2.84 -14.64
N GLU B 165 7.77 -3.54 -13.54
CA GLU B 165 6.44 -4.02 -13.21
C GLU B 165 6.20 -3.90 -11.72
N SER B 166 4.92 -3.85 -11.35
CA SER B 166 4.49 -3.94 -9.96
C SER B 166 3.20 -4.74 -9.91
N VAL B 167 2.89 -5.26 -8.75
CA VAL B 167 1.76 -6.17 -8.56
C VAL B 167 0.99 -5.75 -7.31
N THR B 168 -0.33 -5.76 -7.40
CA THR B 168 -1.15 -5.44 -6.25
C THR B 168 -1.03 -6.55 -5.20
N GLU B 169 -1.40 -6.21 -3.96
CA GLU B 169 -1.50 -7.25 -2.97
C GLU B 169 -2.75 -8.08 -3.24
N GLN B 170 -2.81 -9.26 -2.62
CA GLN B 170 -3.89 -10.20 -2.89
C GLN B 170 -5.25 -9.60 -2.48
N ASP B 171 -6.21 -9.69 -3.38
CA ASP B 171 -7.51 -9.05 -3.17
C ASP B 171 -8.28 -9.71 -2.03
N SER B 172 -8.94 -8.89 -1.21
CA SER B 172 -9.66 -9.40 -0.05
C SER B 172 -10.94 -10.15 -0.42
N LYS B 173 -11.43 -10.02 -1.65
CA LYS B 173 -12.69 -10.62 -2.05
C LYS B 173 -12.51 -11.86 -2.94
N ASP B 174 -11.70 -11.76 -4.01
CA ASP B 174 -11.51 -12.88 -4.90
C ASP B 174 -10.12 -13.52 -4.79
N SER B 175 -9.24 -12.97 -3.96
CA SER B 175 -7.95 -13.58 -3.63
C SER B 175 -7.03 -13.66 -4.84
N THR B 176 -7.17 -12.74 -5.79
CA THR B 176 -6.33 -12.71 -6.99
C THR B 176 -5.33 -11.57 -6.90
N TYR B 177 -4.38 -11.59 -7.84
CA TYR B 177 -3.41 -10.52 -8.03
C TYR B 177 -3.64 -9.85 -9.37
N SER B 178 -3.11 -8.63 -9.50
CA SER B 178 -3.01 -7.98 -10.80
C SER B 178 -1.62 -7.39 -10.93
N LEU B 179 -1.15 -7.27 -12.17
CA LEU B 179 0.20 -6.83 -12.46
C LEU B 179 0.17 -5.80 -13.58
N SER B 180 1.04 -4.80 -13.48
CA SER B 180 1.18 -3.79 -14.52
C SER B 180 2.65 -3.69 -14.91
N SER B 181 2.94 -3.83 -16.19
CA SER B 181 4.30 -3.73 -16.71
C SER B 181 4.40 -2.55 -17.66
N THR B 182 5.49 -1.79 -17.55
CA THR B 182 5.70 -0.63 -18.40
C THR B 182 7.01 -0.78 -19.15
N LEU B 183 6.93 -0.73 -20.48
CA LEU B 183 8.10 -0.64 -21.34
C LEU B 183 8.35 0.84 -21.67
N THR B 184 9.57 1.30 -21.42
CA THR B 184 9.89 2.71 -21.62
C THR B 184 10.90 2.84 -22.77
N LEU B 185 10.56 3.67 -23.75
CA LEU B 185 11.42 3.95 -24.89
C LEU B 185 11.41 5.45 -25.13
N SER B 186 12.46 5.95 -25.79
CA SER B 186 12.42 7.33 -26.24
C SER B 186 11.39 7.47 -27.34
N LYS B 187 10.97 8.71 -27.60
CA LYS B 187 10.07 8.95 -28.73
C LYS B 187 10.70 8.48 -30.02
N ALA B 188 11.98 8.82 -30.23
CA ALA B 188 12.67 8.43 -31.46
C ALA B 188 12.65 6.92 -31.65
N ASP B 189 12.96 6.17 -30.59
CA ASP B 189 12.93 4.70 -30.71
C ASP B 189 11.52 4.19 -30.98
N TYR B 190 10.53 4.67 -30.21
CA TYR B 190 9.16 4.23 -30.41
C TYR B 190 8.73 4.40 -31.86
N GLU B 191 9.06 5.55 -32.47
CA GLU B 191 8.67 5.83 -33.84
C GLU B 191 9.44 5.01 -34.85
N LYS B 192 10.56 4.41 -34.46
CA LYS B 192 11.39 3.64 -35.38
C LYS B 192 10.92 2.20 -35.55
N HIS B 193 9.98 1.74 -34.72
CA HIS B 193 9.50 0.36 -34.76
C HIS B 193 7.98 0.36 -34.90
N LYS B 194 7.43 -0.81 -35.26
CA LYS B 194 6.01 -0.91 -35.59
C LYS B 194 5.24 -1.86 -34.70
N VAL B 195 5.75 -3.06 -34.42
CA VAL B 195 4.98 -4.11 -33.75
C VAL B 195 5.37 -4.17 -32.27
N TYR B 196 4.41 -3.91 -31.38
CA TYR B 196 4.63 -3.90 -29.94
C TYR B 196 3.79 -5.00 -29.30
N ALA B 197 4.43 -5.90 -28.55
CA ALA B 197 3.75 -7.06 -28.02
C ALA B 197 4.22 -7.33 -26.60
N CYS B 198 3.30 -7.71 -25.72
CA CYS B 198 3.65 -8.31 -24.45
C CYS B 198 3.11 -9.72 -24.41
N GLU B 199 3.97 -10.67 -24.04
CA GLU B 199 3.65 -12.08 -23.99
C GLU B 199 3.62 -12.54 -22.54
N VAL B 200 2.53 -13.21 -22.15
CA VAL B 200 2.27 -13.54 -20.76
C VAL B 200 2.23 -15.06 -20.61
N THR B 201 3.02 -15.56 -19.65
CA THR B 201 2.98 -16.96 -19.26
C THR B 201 2.47 -17.06 -17.83
N HIS B 202 1.61 -18.04 -17.58
CA HIS B 202 0.99 -18.21 -16.28
C HIS B 202 0.36 -19.59 -16.21
N GLN B 203 0.34 -20.17 -15.00
CA GLN B 203 -0.17 -21.53 -14.84
C GLN B 203 -1.59 -21.69 -15.38
N GLY B 204 -2.40 -20.63 -15.32
CA GLY B 204 -3.76 -20.70 -15.83
C GLY B 204 -3.86 -20.68 -17.35
N LEU B 205 -2.77 -20.45 -18.06
CA LEU B 205 -2.76 -20.41 -19.52
C LEU B 205 -2.04 -21.66 -20.04
N SER B 206 -2.76 -22.49 -20.79
CA SER B 206 -2.13 -23.68 -21.36
C SER B 206 -1.06 -23.32 -22.38
N SER B 207 -1.13 -22.14 -22.98
CA SER B 207 -0.07 -21.62 -23.83
C SER B 207 -0.02 -20.11 -23.63
N PRO B 208 1.14 -19.49 -23.84
CA PRO B 208 1.28 -18.05 -23.55
C PRO B 208 0.30 -17.21 -24.35
N VAL B 209 -0.13 -16.11 -23.74
CA VAL B 209 -1.04 -15.16 -24.37
C VAL B 209 -0.24 -13.95 -24.81
N THR B 210 -0.46 -13.49 -26.04
CA THR B 210 0.20 -12.31 -26.57
C THR B 210 -0.85 -11.28 -26.95
N LYS B 211 -0.72 -10.07 -26.42
CA LYS B 211 -1.50 -8.93 -26.87
C LYS B 211 -0.54 -7.95 -27.53
N SER B 212 -0.95 -7.39 -28.68
CA SER B 212 -0.06 -6.55 -29.44
C SER B 212 -0.84 -5.48 -30.20
N PHE B 213 -0.10 -4.50 -30.70
CA PHE B 213 -0.63 -3.49 -31.61
C PHE B 213 0.47 -3.09 -32.57
N ASN B 214 0.06 -2.48 -33.69
CA ASN B 214 0.97 -1.90 -34.64
C ASN B 214 0.89 -0.38 -34.53
N ARG B 215 2.03 0.27 -34.37
CA ARG B 215 2.05 1.72 -34.21
C ARG B 215 1.39 2.37 -35.41
N GLY B 216 0.40 3.23 -35.15
CA GLY B 216 -0.41 3.79 -36.20
C GLY B 216 -1.61 2.96 -36.58
N GLU B 217 -1.90 1.89 -35.83
CA GLU B 217 -3.05 1.02 -36.09
C GLU B 217 -3.05 0.48 -37.52
C1 GOL C . 4.54 -0.27 -13.91
O1 GOL C . 3.43 -0.57 -14.72
C2 GOL C . 4.12 0.59 -12.71
O2 GOL C . 4.32 1.95 -13.02
C3 GOL C . 2.64 0.37 -12.38
O3 GOL C . 2.34 1.11 -11.22
#